data_7S0L
#
_entry.id   7S0L
#
_cell.length_a   189.280
_cell.length_b   189.280
_cell.length_c   56.373
_cell.angle_alpha   90.000
_cell.angle_beta   90.000
_cell.angle_gamma   120.000
#
_symmetry.space_group_name_H-M   'P 3 2 1'
#
_entity_poly.entity_id   1
_entity_poly.type   'polypeptide(L)'
_entity_poly.pdbx_seq_one_letter_code
;DSYYQRSDWTADEEQILLGPFDYLESLPGKNMRSQLIQSFNTWLKVPTESLDVIIKVISMLHTAFLLIDDIQDQSILRRG
QPVAHSIFGTAQAMNSGNYVYFLALREVQKLQNPKAISIYVDSLIDLHRGQGMELFWRDSLMCPTEEQYLDMVANKTGGL
FCLAIQLMQAEATIQVDFIPLVRLLGIIFQICDDYLNLKSTAYTDNKGLCEDLTEGKFSFPIIHSIRSNPGNRQLINILK
QKPREDDIKRYALSYMESTNSFEYTRGVVRKLKTEAIDTIQGLEKHGLEENIGIRKILARMSLEL
;
_entity_poly.pdbx_strand_id   A,B
#
# COMPACT_ATOMS: atom_id res chain seq x y z
N SER A 2 25.35 -15.17 20.09
CA SER A 2 24.94 -14.49 18.87
C SER A 2 25.06 -12.94 18.93
N TYR A 3 25.50 -12.34 17.81
CA TYR A 3 25.71 -10.89 17.76
C TYR A 3 24.38 -10.14 17.69
N TYR A 4 23.40 -10.71 17.00
CA TYR A 4 22.06 -10.14 16.89
C TYR A 4 21.09 -10.92 17.76
N GLN A 5 20.36 -10.23 18.63
CA GLN A 5 19.33 -10.82 19.47
C GLN A 5 17.99 -10.13 19.16
N ARG A 6 17.08 -10.86 18.52
CA ARG A 6 15.83 -10.29 18.04
C ARG A 6 14.93 -9.87 19.19
N SER A 7 14.35 -8.67 19.08
CA SER A 7 13.45 -8.12 20.10
C SER A 7 11.99 -8.24 19.70
N ASP A 8 11.12 -8.33 20.71
CA ASP A 8 9.68 -8.35 20.49
C ASP A 8 9.17 -6.98 20.05
N TRP A 9 8.04 -6.99 19.35
CA TRP A 9 7.39 -5.75 18.96
C TRP A 9 6.68 -5.16 20.18
N THR A 10 6.92 -3.89 20.48
CA THR A 10 6.41 -3.29 21.70
C THR A 10 5.25 -2.34 21.40
N ALA A 11 4.36 -2.19 22.40
CA ALA A 11 3.21 -1.30 22.24
C ALA A 11 3.67 0.09 21.81
N ASP A 12 4.80 0.58 22.38
CA ASP A 12 5.32 1.89 22.01
C ASP A 12 5.60 1.97 20.52
N GLU A 13 6.16 0.91 19.94
CA GLU A 13 6.42 0.89 18.50
C GLU A 13 5.12 0.78 17.71
N GLU A 14 4.18 -0.07 18.15
CA GLU A 14 2.92 -0.11 17.44
C GLU A 14 2.22 1.25 17.51
N GLN A 15 2.47 2.02 18.56
CA GLN A 15 1.89 3.36 18.66
C GLN A 15 2.51 4.34 17.66
N ILE A 16 3.78 4.11 17.27
CA ILE A 16 4.39 4.91 16.22
C ILE A 16 3.82 4.55 14.86
N LEU A 17 3.82 3.25 14.52
CA LEU A 17 3.31 2.79 13.24
C LEU A 17 1.88 3.25 12.99
N LEU A 18 1.06 3.30 14.04
CA LEU A 18 -0.32 3.69 13.88
C LEU A 18 -0.55 5.18 14.09
N GLY A 19 0.50 5.96 14.33
CA GLY A 19 0.40 7.38 14.50
C GLY A 19 -0.59 8.05 13.57
N PRO A 20 -0.31 8.05 12.25
CA PRO A 20 -1.23 8.68 11.31
C PRO A 20 -2.62 8.05 11.30
N PHE A 21 -2.70 6.73 11.42
CA PHE A 21 -3.99 6.06 11.40
C PHE A 21 -4.81 6.40 12.62
N ASP A 22 -4.19 6.45 13.81
CA ASP A 22 -4.93 6.81 15.01
C ASP A 22 -5.39 8.25 14.97
N TYR A 23 -4.59 9.13 14.35
CA TYR A 23 -5.00 10.52 14.20
C TYR A 23 -6.31 10.63 13.44
N LEU A 24 -6.43 9.92 12.31
CA LEU A 24 -7.67 9.99 11.54
C LEU A 24 -8.86 9.44 12.33
N GLU A 25 -8.71 8.25 12.92
CA GLU A 25 -9.79 7.64 13.68
C GLU A 25 -10.26 8.53 14.84
N SER A 26 -9.42 9.47 15.29
CA SER A 26 -9.84 10.42 16.31
C SER A 26 -10.63 11.60 15.74
N LEU A 27 -10.53 11.85 14.43
CA LEU A 27 -11.32 12.90 13.79
C LEU A 27 -12.75 12.42 13.58
N PRO A 28 -13.76 13.18 14.02
CA PRO A 28 -15.14 12.68 13.98
C PRO A 28 -15.66 12.63 12.55
N GLY A 29 -16.18 11.45 12.16
CA GLY A 29 -16.70 11.21 10.84
C GLY A 29 -18.16 10.79 10.87
N LYS A 30 -18.73 10.60 9.66
CA LYS A 30 -20.17 10.37 9.54
C LYS A 30 -20.59 8.93 9.81
N ASN A 31 -19.66 7.97 9.71
CA ASN A 31 -19.91 6.56 10.05
C ASN A 31 -21.06 5.96 9.22
N MET A 32 -21.03 6.20 7.90
CA MET A 32 -22.11 5.67 7.05
C MET A 32 -21.91 4.21 6.70
N ARG A 33 -20.67 3.70 6.72
CA ARG A 33 -20.50 2.28 6.43
C ARG A 33 -20.98 1.38 7.56
N SER A 34 -20.83 1.83 8.81
CA SER A 34 -21.36 1.04 9.91
C SER A 34 -22.89 1.01 9.86
N GLN A 35 -23.51 2.14 9.50
CA GLN A 35 -24.97 2.14 9.35
C GLN A 35 -25.42 1.37 8.10
N LEU A 36 -24.54 1.22 7.11
CA LEU A 36 -24.84 0.33 6.00
C LEU A 36 -24.86 -1.13 6.43
N ILE A 37 -23.88 -1.52 7.25
CA ILE A 37 -23.81 -2.91 7.71
C ILE A 37 -25.02 -3.24 8.58
N GLN A 38 -25.36 -2.35 9.53
CA GLN A 38 -26.53 -2.56 10.39
C GLN A 38 -27.81 -2.72 9.57
N SER A 39 -27.99 -1.87 8.55
CA SER A 39 -29.16 -1.98 7.67
C SER A 39 -29.25 -3.36 7.06
N PHE A 40 -28.13 -3.87 6.52
CA PHE A 40 -28.16 -5.16 5.86
C PHE A 40 -28.29 -6.31 6.85
N ASN A 41 -27.90 -6.10 8.11
CA ASN A 41 -28.00 -7.19 9.08
C ASN A 41 -29.45 -7.45 9.47
N THR A 42 -30.37 -6.52 9.23
CA THR A 42 -31.78 -6.82 9.40
C THR A 42 -32.17 -8.09 8.65
N TRP A 43 -31.52 -8.33 7.51
CA TRP A 43 -31.74 -9.49 6.65
C TRP A 43 -30.77 -10.64 6.91
N LEU A 44 -29.46 -10.36 6.99
CA LEU A 44 -28.46 -11.44 7.05
C LEU A 44 -28.29 -12.00 8.46
N LYS A 45 -28.58 -11.20 9.48
CA LYS A 45 -28.61 -11.63 10.89
C LYS A 45 -27.32 -12.32 11.33
N VAL A 46 -26.19 -11.77 10.87
CA VAL A 46 -24.88 -12.25 11.33
C VAL A 46 -24.76 -12.02 12.83
N PRO A 47 -24.29 -12.98 13.61
CA PRO A 47 -24.23 -12.79 15.06
C PRO A 47 -23.23 -11.71 15.46
N THR A 48 -23.36 -11.24 16.70
CA THR A 48 -22.61 -10.06 17.12
C THR A 48 -21.11 -10.32 17.10
N GLU A 49 -20.69 -11.54 17.46
CA GLU A 49 -19.25 -11.83 17.50
C GLU A 49 -18.61 -11.62 16.13
N SER A 50 -19.23 -12.18 15.08
CA SER A 50 -18.67 -12.05 13.73
C SER A 50 -18.89 -10.66 13.17
N LEU A 51 -20.07 -10.08 13.40
CA LEU A 51 -20.37 -8.74 12.89
C LEU A 51 -19.37 -7.73 13.41
N ASP A 52 -19.04 -7.80 14.71
CA ASP A 52 -18.07 -6.88 15.28
C ASP A 52 -16.74 -6.97 14.57
N VAL A 53 -16.38 -8.17 14.09
CA VAL A 53 -15.14 -8.35 13.34
C VAL A 53 -15.25 -7.67 11.96
N ILE A 54 -16.38 -7.86 11.29
CA ILE A 54 -16.59 -7.23 9.98
C ILE A 54 -16.58 -5.71 10.11
N ILE A 55 -17.28 -5.17 11.11
CA ILE A 55 -17.28 -3.74 11.30
C ILE A 55 -15.86 -3.21 11.53
N LYS A 56 -15.06 -3.94 12.34
CA LYS A 56 -13.66 -3.55 12.54
C LYS A 56 -12.89 -3.56 11.21
N VAL A 57 -13.06 -4.61 10.42
CA VAL A 57 -12.28 -4.71 9.18
C VAL A 57 -12.63 -3.57 8.24
N ILE A 58 -13.93 -3.29 8.07
CA ILE A 58 -14.34 -2.26 7.12
C ILE A 58 -13.93 -0.87 7.60
N SER A 59 -14.15 -0.58 8.88
CA SER A 59 -13.71 0.72 9.38
C SER A 59 -12.18 0.86 9.30
N MET A 60 -11.44 -0.22 9.54
CA MET A 60 -9.98 -0.17 9.39
C MET A 60 -9.58 0.18 7.97
N LEU A 61 -10.08 -0.60 6.99
CA LEU A 61 -9.68 -0.37 5.61
C LEU A 61 -10.10 1.02 5.14
N HIS A 62 -11.28 1.47 5.56
CA HIS A 62 -11.76 2.78 5.16
C HIS A 62 -10.77 3.87 5.55
N THR A 63 -10.34 3.88 6.81
CA THR A 63 -9.38 4.87 7.26
C THR A 63 -8.06 4.73 6.53
N ALA A 64 -7.60 3.50 6.31
CA ALA A 64 -6.35 3.27 5.60
C ALA A 64 -6.40 3.86 4.19
N PHE A 65 -7.50 3.61 3.47
CA PHE A 65 -7.63 4.20 2.14
C PHE A 65 -7.64 5.72 2.20
N LEU A 66 -8.32 6.30 3.20
CA LEU A 66 -8.29 7.76 3.36
C LEU A 66 -6.87 8.28 3.53
N LEU A 67 -6.05 7.62 4.36
CA LEU A 67 -4.65 7.99 4.46
C LEU A 67 -3.99 8.03 3.10
N ILE A 68 -4.29 7.05 2.26
CA ILE A 68 -3.54 6.91 1.03
C ILE A 68 -4.12 7.76 -0.09
N ASP A 69 -5.46 7.86 -0.16
CA ASP A 69 -6.08 8.76 -1.14
C ASP A 69 -5.65 10.19 -0.91
N ASP A 70 -5.67 10.63 0.34
CA ASP A 70 -5.27 12.00 0.61
C ASP A 70 -3.86 12.27 0.12
N ILE A 71 -2.95 11.29 0.28
CA ILE A 71 -1.61 11.41 -0.28
C ILE A 71 -1.67 11.45 -1.80
N GLN A 72 -2.25 10.41 -2.40
CA GLN A 72 -2.33 10.33 -3.87
C GLN A 72 -3.01 11.55 -4.46
N ASP A 73 -4.09 12.01 -3.83
CA ASP A 73 -4.85 13.14 -4.34
C ASP A 73 -4.31 14.47 -3.85
N GLN A 74 -3.22 14.46 -3.07
CA GLN A 74 -2.56 15.67 -2.58
C GLN A 74 -3.57 16.66 -2.00
N SER A 75 -4.35 16.16 -1.05
CA SER A 75 -5.40 16.90 -0.36
C SER A 75 -4.81 17.69 0.81
N ILE A 76 -5.59 18.68 1.26
CA ILE A 76 -5.20 19.54 2.36
C ILE A 76 -6.02 19.24 3.62
N LEU A 77 -7.31 19.05 3.46
CA LEU A 77 -8.22 18.79 4.57
C LEU A 77 -8.89 17.44 4.43
N ARG A 78 -9.15 16.82 5.58
CA ARG A 78 -9.95 15.61 5.68
C ARG A 78 -10.80 15.73 6.94
N ARG A 79 -12.12 15.65 6.79
CA ARG A 79 -13.05 15.79 7.93
C ARG A 79 -12.87 17.13 8.62
N GLY A 80 -12.65 18.18 7.83
CA GLY A 80 -12.50 19.52 8.35
C GLY A 80 -11.15 19.82 8.97
N GLN A 81 -10.28 18.83 9.12
CA GLN A 81 -9.02 18.94 9.86
C GLN A 81 -7.81 18.68 8.95
N PRO A 82 -6.57 18.88 9.42
CA PRO A 82 -5.43 18.61 8.54
C PRO A 82 -5.41 17.16 8.07
N VAL A 83 -5.00 16.96 6.81
CA VAL A 83 -4.76 15.59 6.38
C VAL A 83 -3.61 15.03 7.23
N ALA A 84 -3.69 13.73 7.50
CA ALA A 84 -2.70 13.11 8.37
C ALA A 84 -1.26 13.37 7.88
N HIS A 85 -1.02 13.28 6.57
CA HIS A 85 0.35 13.42 6.09
C HIS A 85 0.85 14.86 6.16
N SER A 86 -0.02 15.85 6.30
CA SER A 86 0.50 17.17 6.59
C SER A 86 1.08 17.27 7.99
N ILE A 87 0.83 16.28 8.85
CA ILE A 87 1.42 16.20 10.20
C ILE A 87 2.56 15.19 10.25
N PHE A 88 2.34 13.99 9.73
CA PHE A 88 3.30 12.91 9.83
C PHE A 88 4.17 12.77 8.58
N GLY A 89 3.92 13.57 7.54
CA GLY A 89 4.64 13.43 6.28
C GLY A 89 4.05 12.33 5.41
N THR A 90 4.18 12.45 4.09
CA THR A 90 3.56 11.45 3.22
C THR A 90 4.11 10.04 3.50
N ALA A 91 5.39 9.91 3.82
CA ALA A 91 5.98 8.58 3.93
C ALA A 91 5.37 7.77 5.08
N GLN A 92 5.47 8.28 6.31
CA GLN A 92 4.89 7.53 7.41
C GLN A 92 3.38 7.34 7.24
N ALA A 93 2.69 8.30 6.64
CA ALA A 93 1.25 8.11 6.48
C ALA A 93 0.96 7.02 5.47
N MET A 94 1.72 6.99 4.38
CA MET A 94 1.53 5.93 3.39
C MET A 94 1.84 4.56 3.99
N ASN A 95 2.93 4.47 4.75
CA ASN A 95 3.28 3.22 5.40
C ASN A 95 2.22 2.80 6.41
N SER A 96 1.77 3.75 7.24
CA SER A 96 0.76 3.42 8.26
C SER A 96 -0.50 2.89 7.61
N GLY A 97 -0.88 3.45 6.47
CA GLY A 97 -2.08 2.96 5.80
C GLY A 97 -1.86 1.59 5.18
N ASN A 98 -0.76 1.43 4.45
CA ASN A 98 -0.41 0.13 3.90
C ASN A 98 -0.33 -0.92 5.00
N TYR A 99 0.28 -0.57 6.13
CA TYR A 99 0.32 -1.46 7.30
C TYR A 99 -1.07 -1.90 7.70
N VAL A 100 -2.00 -0.95 7.85
CA VAL A 100 -3.33 -1.29 8.33
C VAL A 100 -4.03 -2.24 7.35
N TYR A 101 -3.81 -2.09 6.04
CA TYR A 101 -4.35 -3.05 5.07
C TYR A 101 -4.14 -4.48 5.57
N PHE A 102 -2.92 -4.80 6.00
CA PHE A 102 -2.61 -6.16 6.44
C PHE A 102 -3.00 -6.42 7.89
N LEU A 103 -3.05 -5.40 8.74
CA LEU A 103 -3.71 -5.59 10.03
C LEU A 103 -5.16 -6.03 9.83
N ALA A 104 -5.87 -5.41 8.88
CA ALA A 104 -7.25 -5.82 8.59
C ALA A 104 -7.30 -7.23 8.01
N LEU A 105 -6.28 -7.63 7.24
CA LEU A 105 -6.27 -9.00 6.73
C LEU A 105 -6.12 -9.98 7.87
N ARG A 106 -5.25 -9.66 8.84
CA ARG A 106 -5.12 -10.49 10.02
CA ARG A 106 -5.11 -10.49 10.03
C ARG A 106 -6.43 -10.56 10.79
N GLU A 107 -7.23 -9.49 10.75
CA GLU A 107 -8.52 -9.49 11.44
C GLU A 107 -9.53 -10.39 10.73
N VAL A 108 -9.68 -10.24 9.41
CA VAL A 108 -10.55 -11.13 8.65
C VAL A 108 -10.26 -12.59 8.97
N GLN A 109 -8.97 -12.91 9.22
CA GLN A 109 -8.58 -14.27 9.54
C GLN A 109 -9.27 -14.79 10.81
N LYS A 110 -9.67 -13.90 11.71
CA LYS A 110 -10.32 -14.35 12.94
C LYS A 110 -11.65 -15.02 12.65
N LEU A 111 -12.30 -14.67 11.55
CA LEU A 111 -13.53 -15.34 11.13
C LEU A 111 -13.35 -16.82 10.87
N GLN A 112 -12.11 -17.31 10.73
CA GLN A 112 -11.81 -18.71 10.37
C GLN A 112 -12.74 -19.19 9.27
N ASN A 113 -12.89 -18.35 8.27
CA ASN A 113 -13.81 -18.58 7.16
C ASN A 113 -13.01 -18.52 5.87
N PRO A 114 -12.68 -19.66 5.27
CA PRO A 114 -11.82 -19.63 4.07
C PRO A 114 -12.39 -18.80 2.94
N LYS A 115 -13.72 -18.70 2.81
CA LYS A 115 -14.31 -17.84 1.78
C LYS A 115 -14.03 -16.37 2.05
N ALA A 116 -13.99 -15.97 3.32
CA ALA A 116 -13.73 -14.57 3.65
C ALA A 116 -12.38 -14.11 3.12
N ILE A 117 -11.40 -14.99 3.07
CA ILE A 117 -10.08 -14.60 2.57
C ILE A 117 -10.14 -14.29 1.08
N SER A 118 -10.73 -15.20 0.30
CA SER A 118 -10.87 -14.92 -1.14
C SER A 118 -11.67 -13.65 -1.39
N ILE A 119 -12.66 -13.36 -0.52
CA ILE A 119 -13.46 -12.15 -0.62
C ILE A 119 -12.60 -10.90 -0.40
N TYR A 120 -11.82 -10.90 0.68
CA TYR A 120 -10.92 -9.79 0.95
C TYR A 120 -9.92 -9.57 -0.19
N VAL A 121 -9.35 -10.65 -0.73
CA VAL A 121 -8.37 -10.51 -1.80
C VAL A 121 -9.02 -9.97 -3.06
N ASP A 122 -10.16 -10.56 -3.45
CA ASP A 122 -10.90 -10.05 -4.59
C ASP A 122 -11.26 -8.58 -4.40
N SER A 123 -11.67 -8.19 -3.19
CA SER A 123 -12.07 -6.81 -2.93
C SER A 123 -10.88 -5.84 -3.01
N LEU A 124 -9.77 -6.17 -2.35
CA LEU A 124 -8.62 -5.28 -2.42
C LEU A 124 -8.10 -5.19 -3.83
N ILE A 125 -8.26 -6.26 -4.61
CA ILE A 125 -7.88 -6.17 -6.01
C ILE A 125 -8.76 -5.15 -6.71
N ASP A 126 -10.07 -5.18 -6.43
CA ASP A 126 -11.01 -4.32 -7.14
C ASP A 126 -10.85 -2.87 -6.74
N LEU A 127 -10.62 -2.62 -5.44
CA LEU A 127 -10.38 -1.26 -4.99
C LEU A 127 -9.19 -0.65 -5.71
N HIS A 128 -8.08 -1.39 -5.76
CA HIS A 128 -6.90 -0.86 -6.40
C HIS A 128 -7.11 -0.69 -7.89
N ARG A 129 -7.97 -1.52 -8.49
CA ARG A 129 -8.29 -1.35 -9.90
C ARG A 129 -9.08 -0.07 -10.14
N GLY A 130 -10.03 0.23 -9.26
CA GLY A 130 -10.72 1.51 -9.31
C GLY A 130 -9.79 2.70 -9.23
N GLN A 131 -9.03 2.85 -8.14
CA GLN A 131 -8.12 3.98 -8.07
C GLN A 131 -7.11 3.96 -9.23
N GLY A 132 -6.78 2.77 -9.74
CA GLY A 132 -5.89 2.72 -10.88
C GLY A 132 -6.44 3.44 -12.10
N MET A 133 -7.72 3.20 -12.42
CA MET A 133 -8.31 3.86 -13.58
C MET A 133 -8.53 5.37 -13.34
N GLU A 134 -9.01 5.75 -12.16
CA GLU A 134 -9.20 7.17 -11.89
C GLU A 134 -7.89 7.92 -12.06
N LEU A 135 -6.80 7.39 -11.45
CA LEU A 135 -5.49 8.02 -11.59
C LEU A 135 -5.03 8.05 -13.04
N PHE A 136 -5.27 6.97 -13.78
CA PHE A 136 -4.93 6.95 -15.21
C PHE A 136 -5.55 8.11 -15.98
N TRP A 137 -6.86 8.32 -15.84
CA TRP A 137 -7.53 9.39 -16.55
C TRP A 137 -7.01 10.75 -16.09
N ARG A 138 -6.97 10.97 -14.78
CA ARG A 138 -6.44 12.21 -14.22
C ARG A 138 -5.10 12.57 -14.84
N ASP A 139 -4.13 11.65 -14.75
CA ASP A 139 -2.76 11.99 -15.11
C ASP A 139 -2.60 12.11 -16.62
N SER A 140 -3.50 11.53 -17.40
CA SER A 140 -3.43 11.60 -18.85
C SER A 140 -4.29 12.70 -19.41
N LEU A 141 -4.98 13.42 -18.53
CA LEU A 141 -5.92 14.49 -18.89
C LEU A 141 -6.90 14.03 -19.97
N MET A 142 -7.38 12.81 -19.85
CA MET A 142 -8.32 12.25 -20.81
CA MET A 142 -8.30 12.18 -20.80
C MET A 142 -9.65 11.99 -20.10
N CYS A 143 -10.65 12.72 -20.50
CA CYS A 143 -11.94 12.61 -19.85
C CYS A 143 -12.61 11.29 -20.20
N PRO A 144 -12.93 10.44 -19.22
CA PRO A 144 -13.61 9.18 -19.55
C PRO A 144 -15.08 9.39 -19.90
N THR A 145 -15.68 8.35 -20.46
CA THR A 145 -17.12 8.38 -20.60
C THR A 145 -17.78 8.12 -19.26
N GLU A 146 -19.03 8.55 -19.16
CA GLU A 146 -19.82 8.31 -17.96
C GLU A 146 -19.89 6.82 -17.61
N GLU A 147 -20.02 5.96 -18.62
CA GLU A 147 -20.03 4.52 -18.39
C GLU A 147 -18.70 4.06 -17.82
N GLN A 148 -17.59 4.58 -18.34
CA GLN A 148 -16.29 4.20 -17.82
C GLN A 148 -16.14 4.64 -16.37
N TYR A 149 -16.66 5.83 -16.07
CA TYR A 149 -16.58 6.37 -14.72
C TYR A 149 -17.33 5.48 -13.73
N LEU A 150 -18.51 4.98 -14.11
CA LEU A 150 -19.26 4.18 -13.15
C LEU A 150 -18.65 2.80 -12.97
N ASP A 151 -18.05 2.24 -14.02
CA ASP A 151 -17.26 1.02 -13.84
C ASP A 151 -16.15 1.26 -12.81
N MET A 152 -15.43 2.38 -12.94
CA MET A 152 -14.38 2.70 -12.01
C MET A 152 -14.93 2.84 -10.58
N VAL A 153 -16.05 3.53 -10.43
CA VAL A 153 -16.58 3.80 -9.10
C VAL A 153 -17.10 2.51 -8.45
N ALA A 154 -17.72 1.64 -9.25
CA ALA A 154 -18.18 0.36 -8.72
C ALA A 154 -17.04 -0.47 -8.14
N ASN A 155 -15.83 -0.33 -8.70
CA ASN A 155 -14.63 -0.92 -8.11
C ASN A 155 -14.12 -0.10 -6.92
N LYS A 156 -14.03 1.21 -7.07
CA LYS A 156 -13.32 2.02 -6.07
C LYS A 156 -14.18 2.29 -4.84
N THR A 157 -15.37 2.82 -5.02
CA THR A 157 -16.23 3.07 -3.86
C THR A 157 -17.09 1.86 -3.54
N GLY A 158 -17.73 1.27 -4.57
CA GLY A 158 -18.51 0.07 -4.34
C GLY A 158 -17.69 -1.08 -3.79
N GLY A 159 -16.39 -1.13 -4.10
CA GLY A 159 -15.56 -2.24 -3.68
C GLY A 159 -15.51 -2.44 -2.18
N LEU A 160 -15.53 -1.35 -1.41
CA LEU A 160 -15.55 -1.48 0.03
C LEU A 160 -16.94 -1.85 0.54
N PHE A 161 -17.98 -1.33 -0.10
CA PHE A 161 -19.35 -1.68 0.28
C PHE A 161 -19.59 -3.17 0.07
N CYS A 162 -19.10 -3.69 -1.08
CA CYS A 162 -19.31 -5.10 -1.40
C CYS A 162 -18.48 -6.02 -0.53
N LEU A 163 -17.27 -5.59 -0.15
CA LEU A 163 -16.53 -6.35 0.85
C LEU A 163 -17.36 -6.52 2.11
N ALA A 164 -17.82 -5.40 2.68
CA ALA A 164 -18.61 -5.45 3.90
C ALA A 164 -19.78 -6.43 3.78
N ILE A 165 -20.57 -6.31 2.70
CA ILE A 165 -21.76 -7.16 2.62
C ILE A 165 -21.37 -8.59 2.27
N GLN A 166 -20.34 -8.76 1.42
CA GLN A 166 -19.92 -10.13 1.03
C GLN A 166 -19.34 -10.90 2.21
N LEU A 167 -18.59 -10.23 3.09
CA LEU A 167 -18.18 -10.89 4.32
C LEU A 167 -19.39 -11.32 5.16
N MET A 168 -20.42 -10.46 5.25
CA MET A 168 -21.64 -10.85 5.95
C MET A 168 -22.32 -12.04 5.27
N GLN A 169 -22.43 -12.04 3.94
CA GLN A 169 -23.01 -13.18 3.26
C GLN A 169 -22.24 -14.46 3.58
N ALA A 170 -20.90 -14.38 3.63
CA ALA A 170 -20.09 -15.56 3.97
C ALA A 170 -20.35 -16.05 5.39
N GLU A 171 -20.77 -15.15 6.28
CA GLU A 171 -21.09 -15.50 7.66
C GLU A 171 -22.57 -15.76 7.88
N ALA A 172 -23.31 -16.05 6.81
CA ALA A 172 -24.74 -16.30 6.91
C ALA A 172 -25.14 -17.35 5.89
N THR A 173 -26.20 -18.08 6.20
CA THR A 173 -26.56 -19.23 5.39
C THR A 173 -27.58 -18.89 4.31
N ILE A 174 -28.16 -17.69 4.33
CA ILE A 174 -29.14 -17.33 3.33
C ILE A 174 -28.48 -17.25 1.96
N GLN A 175 -29.19 -17.74 0.94
CA GLN A 175 -28.70 -17.84 -0.42
C GLN A 175 -29.36 -16.81 -1.31
N VAL A 176 -29.23 -15.54 -0.93
CA VAL A 176 -29.78 -14.41 -1.66
C VAL A 176 -28.65 -13.45 -1.93
N ASP A 177 -28.53 -12.99 -3.17
CA ASP A 177 -27.37 -12.21 -3.60
C ASP A 177 -27.66 -10.73 -3.41
N PHE A 178 -27.10 -10.15 -2.35
CA PHE A 178 -27.25 -8.73 -2.04
C PHE A 178 -26.24 -7.85 -2.75
N ILE A 179 -25.22 -8.42 -3.37
CA ILE A 179 -24.14 -7.60 -3.93
C ILE A 179 -24.65 -6.62 -4.99
N PRO A 180 -25.47 -7.02 -5.97
CA PRO A 180 -25.96 -6.02 -6.94
C PRO A 180 -26.57 -4.79 -6.27
N LEU A 181 -27.40 -4.98 -5.25
CA LEU A 181 -27.98 -3.85 -4.55
C LEU A 181 -26.90 -2.97 -3.90
N VAL A 182 -25.94 -3.60 -3.21
CA VAL A 182 -25.00 -2.80 -2.44
C VAL A 182 -24.02 -2.08 -3.37
N ARG A 183 -23.72 -2.69 -4.53
CA ARG A 183 -22.89 -2.01 -5.50
C ARG A 183 -23.59 -0.76 -6.03
N LEU A 184 -24.87 -0.90 -6.38
CA LEU A 184 -25.68 0.26 -6.74
C LEU A 184 -25.66 1.33 -5.64
N LEU A 185 -25.71 0.91 -4.37
CA LEU A 185 -25.72 1.90 -3.29
C LEU A 185 -24.40 2.66 -3.25
N GLY A 186 -23.28 1.97 -3.49
CA GLY A 186 -21.99 2.65 -3.52
C GLY A 186 -21.90 3.64 -4.66
N ILE A 187 -22.41 3.25 -5.83
CA ILE A 187 -22.41 4.15 -6.97
C ILE A 187 -23.18 5.41 -6.65
N ILE A 188 -24.40 5.26 -6.14
CA ILE A 188 -25.19 6.42 -5.71
C ILE A 188 -24.41 7.24 -4.71
N PHE A 189 -23.83 6.56 -3.72
CA PHE A 189 -23.09 7.27 -2.68
C PHE A 189 -21.99 8.12 -3.29
N GLN A 190 -21.24 7.56 -4.25
CA GLN A 190 -20.13 8.27 -4.87
C GLN A 190 -20.61 9.43 -5.74
N ILE A 191 -21.65 9.20 -6.56
CA ILE A 191 -22.21 10.28 -7.34
C ILE A 191 -22.69 11.40 -6.42
N CYS A 192 -23.37 11.05 -5.33
CA CYS A 192 -23.78 12.06 -4.37
C CYS A 192 -22.56 12.79 -3.82
N ASP A 193 -21.53 12.03 -3.44
CA ASP A 193 -20.31 12.65 -2.94
C ASP A 193 -19.70 13.55 -3.99
N ASP A 194 -19.74 13.11 -5.26
CA ASP A 194 -19.21 13.92 -6.35
C ASP A 194 -19.93 15.26 -6.46
N TYR A 195 -21.25 15.25 -6.27
CA TYR A 195 -22.03 16.49 -6.37
C TYR A 195 -21.79 17.38 -5.15
N LEU A 196 -21.73 16.79 -3.95
CA LEU A 196 -21.63 17.58 -2.73
C LEU A 196 -20.28 18.29 -2.62
N ASN A 197 -19.24 17.69 -3.21
CA ASN A 197 -17.91 18.29 -3.24
C ASN A 197 -17.96 19.68 -3.90
N LEU A 198 -18.81 19.84 -4.91
CA LEU A 198 -18.90 21.11 -5.60
C LEU A 198 -20.06 22.00 -5.13
N LYS A 199 -21.03 21.49 -4.38
CA LYS A 199 -22.23 22.28 -4.04
C LYS A 199 -22.49 22.45 -2.56
N SER A 200 -22.09 21.53 -1.70
CA SER A 200 -22.42 21.62 -0.28
C SER A 200 -21.57 22.65 0.45
N THR A 201 -22.20 23.47 1.28
CA THR A 201 -21.42 24.33 2.19
C THR A 201 -20.67 23.50 3.23
N ALA A 202 -21.26 22.40 3.71
CA ALA A 202 -20.60 21.55 4.71
C ALA A 202 -19.39 20.82 4.13
N TYR A 203 -19.38 20.56 2.83
CA TYR A 203 -18.21 19.93 2.21
C TYR A 203 -17.10 20.94 1.97
N THR A 204 -17.45 22.21 1.68
CA THR A 204 -16.44 23.26 1.63
C THR A 204 -15.73 23.38 2.99
N ASP A 205 -16.48 23.24 4.09
CA ASP A 205 -15.88 23.30 5.42
C ASP A 205 -14.97 22.11 5.68
N ASN A 206 -15.27 20.95 5.10
CA ASN A 206 -14.60 19.70 5.45
C ASN A 206 -13.45 19.33 4.52
N LYS A 207 -13.49 19.77 3.25
CA LYS A 207 -12.41 19.52 2.30
C LYS A 207 -11.89 20.78 1.59
N GLY A 208 -12.56 21.93 1.74
CA GLY A 208 -12.27 23.12 0.97
C GLY A 208 -13.19 23.26 -0.25
N LEU A 209 -13.18 24.47 -0.82
CA LEU A 209 -14.05 24.78 -1.96
C LEU A 209 -13.68 23.92 -3.16
N CYS A 210 -14.63 23.09 -3.61
CA CYS A 210 -14.52 22.34 -4.86
C CYS A 210 -13.17 21.61 -4.98
N GLU A 211 -12.81 20.87 -3.93
CA GLU A 211 -11.47 20.29 -3.91
C GLU A 211 -11.24 19.28 -5.03
N ASP A 212 -12.30 18.67 -5.56
CA ASP A 212 -12.15 17.80 -6.72
C ASP A 212 -11.48 18.54 -7.88
N LEU A 213 -11.72 19.85 -8.02
CA LEU A 213 -11.05 20.60 -9.07
C LEU A 213 -9.55 20.71 -8.78
N THR A 214 -9.20 21.07 -7.54
CA THR A 214 -7.78 21.13 -7.19
C THR A 214 -7.09 19.79 -7.43
N GLU A 215 -7.81 18.69 -7.24
CA GLU A 215 -7.20 17.39 -7.36
C GLU A 215 -7.17 16.90 -8.80
N GLY A 216 -7.88 17.56 -9.71
CA GLY A 216 -7.94 17.15 -11.09
C GLY A 216 -8.84 15.98 -11.37
N LYS A 217 -9.82 15.71 -10.51
CA LYS A 217 -10.65 14.52 -10.67
C LYS A 217 -11.68 14.69 -11.77
N PHE A 218 -11.72 13.71 -12.68
CA PHE A 218 -12.83 13.56 -13.60
C PHE A 218 -13.99 12.95 -12.81
N SER A 219 -14.67 13.80 -12.04
CA SER A 219 -15.85 13.42 -11.26
C SER A 219 -17.10 13.47 -12.13
N PHE A 220 -18.23 13.02 -11.56
CA PHE A 220 -19.42 12.82 -12.38
C PHE A 220 -19.93 14.11 -13.02
N PRO A 221 -20.28 15.15 -12.27
CA PRO A 221 -20.72 16.38 -12.96
C PRO A 221 -19.63 17.00 -13.82
N ILE A 222 -18.36 16.86 -13.43
CA ILE A 222 -17.27 17.43 -14.23
C ILE A 222 -17.21 16.75 -15.60
N ILE A 223 -17.34 15.42 -15.61
CA ILE A 223 -17.35 14.67 -16.87
C ILE A 223 -18.46 15.17 -17.77
N HIS A 224 -19.66 15.30 -17.20
CA HIS A 224 -20.81 15.68 -18.00
C HIS A 224 -20.65 17.09 -18.57
N SER A 225 -20.07 18.00 -17.78
CA SER A 225 -19.88 19.37 -18.27
C SER A 225 -18.81 19.45 -19.35
N ILE A 226 -17.73 18.67 -19.20
CA ILE A 226 -16.71 18.61 -20.23
C ILE A 226 -17.29 18.04 -21.52
N ARG A 227 -18.06 16.96 -21.39
CA ARG A 227 -18.54 16.26 -22.57
C ARG A 227 -19.74 16.95 -23.20
N SER A 228 -20.42 17.83 -22.46
CA SER A 228 -21.59 18.50 -23.04
C SER A 228 -21.21 19.56 -24.08
N ASN A 229 -19.91 19.92 -24.22
CA ASN A 229 -19.47 20.85 -25.25
C ASN A 229 -17.97 20.73 -25.46
N PRO A 230 -17.50 19.78 -26.28
CA PRO A 230 -16.05 19.64 -26.45
C PRO A 230 -15.40 20.85 -27.09
N GLY A 231 -16.19 21.74 -27.71
CA GLY A 231 -15.60 22.93 -28.28
C GLY A 231 -14.94 23.80 -27.24
N ASN A 232 -15.57 23.92 -26.07
CA ASN A 232 -15.02 24.66 -24.95
C ASN A 232 -14.14 23.75 -24.11
N ARG A 233 -12.88 24.14 -23.95
CA ARG A 233 -11.90 23.39 -23.19
C ARG A 233 -11.45 24.14 -21.93
N GLN A 234 -12.28 25.07 -21.46
CA GLN A 234 -11.96 25.79 -20.24
C GLN A 234 -11.97 24.88 -19.02
N LEU A 235 -12.97 24.01 -18.90
CA LEU A 235 -13.08 23.22 -17.68
C LEU A 235 -11.97 22.17 -17.61
N ILE A 236 -11.77 21.43 -18.70
CA ILE A 236 -10.73 20.41 -18.66
C ILE A 236 -9.35 21.03 -18.49
N ASN A 237 -9.17 22.25 -18.99
CA ASN A 237 -7.89 22.91 -18.75
C ASN A 237 -7.76 23.38 -17.30
N ILE A 238 -8.86 23.81 -16.69
CA ILE A 238 -8.81 24.14 -15.27
C ILE A 238 -8.42 22.90 -14.48
N LEU A 239 -8.97 21.73 -14.85
CA LEU A 239 -8.56 20.49 -14.20
C LEU A 239 -7.05 20.28 -14.30
N LYS A 240 -6.48 20.55 -15.47
CA LYS A 240 -5.06 20.31 -15.65
C LYS A 240 -4.22 21.17 -14.71
N GLN A 241 -4.69 22.38 -14.43
CA GLN A 241 -3.93 23.35 -13.63
C GLN A 241 -3.94 23.05 -12.14
N LYS A 242 -4.76 22.11 -11.69
CA LYS A 242 -4.94 21.78 -10.27
C LYS A 242 -5.02 23.05 -9.43
N PRO A 243 -6.04 23.90 -9.64
CA PRO A 243 -6.02 25.23 -9.01
C PRO A 243 -6.31 25.16 -7.51
N ARG A 244 -5.42 25.78 -6.73
CA ARG A 244 -5.68 26.00 -5.30
C ARG A 244 -6.47 27.28 -5.06
N GLU A 245 -6.40 28.24 -5.98
CA GLU A 245 -7.10 29.51 -5.86
C GLU A 245 -8.61 29.33 -5.99
N ASP A 246 -9.36 30.11 -5.22
CA ASP A 246 -10.80 29.98 -5.27
C ASP A 246 -11.44 30.77 -6.42
N ASP A 247 -10.80 31.85 -6.89
CA ASP A 247 -11.27 32.53 -8.10
C ASP A 247 -11.46 31.57 -9.27
N ILE A 248 -10.52 30.64 -9.46
CA ILE A 248 -10.64 29.69 -10.56
C ILE A 248 -11.73 28.67 -10.26
N LYS A 249 -11.80 28.21 -9.01
CA LYS A 249 -12.80 27.20 -8.68
C LYS A 249 -14.21 27.79 -8.81
N ARG A 250 -14.39 29.03 -8.38
CA ARG A 250 -15.71 29.63 -8.52
C ARG A 250 -16.09 29.77 -9.98
N TYR A 251 -15.12 30.08 -10.85
CA TYR A 251 -15.39 30.14 -12.27
C TYR A 251 -15.78 28.78 -12.83
N ALA A 252 -15.02 27.74 -12.47
CA ALA A 252 -15.35 26.41 -12.94
C ALA A 252 -16.75 26.01 -12.49
N LEU A 253 -17.07 26.22 -11.21
CA LEU A 253 -18.39 25.85 -10.73
C LEU A 253 -19.47 26.67 -11.45
N SER A 254 -19.15 27.90 -11.80
CA SER A 254 -20.08 28.70 -12.59
C SER A 254 -20.24 28.12 -14.00
N TYR A 255 -19.13 27.83 -14.68
CA TYR A 255 -19.24 27.21 -16.00
C TYR A 255 -20.07 25.94 -15.92
N MET A 256 -19.87 25.13 -14.86
CA MET A 256 -20.57 23.85 -14.79
C MET A 256 -22.06 24.03 -14.60
N GLU A 257 -22.47 25.08 -13.90
CA GLU A 257 -23.90 25.37 -13.85
C GLU A 257 -24.41 25.73 -15.24
N SER A 258 -23.62 26.49 -16.01
CA SER A 258 -24.07 26.90 -17.33
C SER A 258 -24.33 25.70 -18.25
N THR A 259 -23.68 24.55 -17.98
CA THR A 259 -23.93 23.35 -18.77
C THR A 259 -24.92 22.44 -18.12
N ASN A 260 -25.68 22.94 -17.15
CA ASN A 260 -26.78 22.19 -16.53
C ASN A 260 -26.28 20.86 -15.98
N SER A 261 -25.03 20.84 -15.54
CA SER A 261 -24.44 19.59 -15.10
C SER A 261 -24.95 19.15 -13.74
N PHE A 262 -25.48 20.07 -12.95
CA PHE A 262 -25.96 19.68 -11.63
C PHE A 262 -27.39 19.18 -11.65
N GLU A 263 -28.26 19.74 -12.52
CA GLU A 263 -29.56 19.08 -12.77
C GLU A 263 -29.36 17.71 -13.36
N TYR A 264 -28.41 17.57 -14.30
CA TYR A 264 -28.12 16.27 -14.89
C TYR A 264 -27.79 15.26 -13.80
N THR A 265 -26.85 15.60 -12.90
CA THR A 265 -26.45 14.66 -11.85
C THR A 265 -27.60 14.35 -10.90
N ARG A 266 -28.33 15.38 -10.46
CA ARG A 266 -29.49 15.16 -9.62
C ARG A 266 -30.45 14.19 -10.29
N GLY A 267 -30.72 14.40 -11.59
CA GLY A 267 -31.63 13.53 -12.30
C GLY A 267 -31.15 12.09 -12.38
N VAL A 268 -29.84 11.89 -12.60
CA VAL A 268 -29.28 10.54 -12.59
C VAL A 268 -29.42 9.90 -11.22
N VAL A 269 -29.09 10.65 -10.15
CA VAL A 269 -29.28 10.10 -8.80
C VAL A 269 -30.73 9.69 -8.58
N ARG A 270 -31.68 10.51 -9.05
CA ARG A 270 -33.09 10.12 -8.97
C ARG A 270 -33.31 8.76 -9.61
N LYS A 271 -32.84 8.58 -10.85
CA LYS A 271 -33.11 7.33 -11.56
C LYS A 271 -32.47 6.14 -10.83
N LEU A 272 -31.27 6.34 -10.26
CA LEU A 272 -30.59 5.26 -9.53
C LEU A 272 -31.27 4.93 -8.20
N LYS A 273 -31.78 5.95 -7.51
CA LYS A 273 -32.55 5.69 -6.29
C LYS A 273 -33.81 4.89 -6.60
N THR A 274 -34.45 5.17 -7.72
CA THR A 274 -35.66 4.41 -8.06
C THR A 274 -35.32 2.96 -8.36
N GLU A 275 -34.17 2.71 -9.01
CA GLU A 275 -33.71 1.34 -9.19
C GLU A 275 -33.45 0.66 -7.85
N ALA A 276 -32.79 1.36 -6.92
CA ALA A 276 -32.44 0.77 -5.63
C ALA A 276 -33.69 0.42 -4.83
N ILE A 277 -34.66 1.33 -4.78
CA ILE A 277 -35.91 1.07 -4.09
C ILE A 277 -36.63 -0.11 -4.73
N ASP A 278 -36.59 -0.19 -6.06
CA ASP A 278 -37.25 -1.30 -6.74
C ASP A 278 -36.52 -2.61 -6.48
N THR A 279 -35.18 -2.57 -6.44
CA THR A 279 -34.41 -3.74 -6.07
C THR A 279 -34.77 -4.21 -4.66
N ILE A 280 -34.79 -3.27 -3.70
CA ILE A 280 -35.13 -3.60 -2.30
C ILE A 280 -36.52 -4.22 -2.23
N GLN A 281 -37.50 -3.61 -2.92
CA GLN A 281 -38.84 -4.19 -2.96
C GLN A 281 -38.81 -5.56 -3.60
N GLY A 282 -37.92 -5.78 -4.57
CA GLY A 282 -37.78 -7.10 -5.16
C GLY A 282 -37.34 -8.14 -4.15
N LEU A 283 -36.28 -7.84 -3.39
CA LEU A 283 -35.80 -8.77 -2.38
C LEU A 283 -36.87 -9.09 -1.34
N GLU A 284 -37.75 -8.13 -1.04
CA GLU A 284 -38.74 -8.31 0.01
C GLU A 284 -39.94 -9.11 -0.46
N LYS A 285 -40.32 -8.97 -1.73
CA LYS A 285 -41.38 -9.81 -2.29
C LYS A 285 -41.03 -11.28 -2.16
N HIS A 286 -39.74 -11.63 -2.20
CA HIS A 286 -39.34 -13.03 -2.15
C HIS A 286 -38.69 -13.39 -0.82
N GLY A 287 -39.45 -13.21 0.28
CA GLY A 287 -39.17 -13.83 1.54
C GLY A 287 -38.58 -12.93 2.62
N LEU A 288 -38.05 -11.77 2.26
CA LEU A 288 -37.31 -10.91 3.19
C LEU A 288 -38.22 -9.90 3.85
N GLU A 289 -38.00 -9.66 5.14
CA GLU A 289 -38.88 -8.77 5.89
C GLU A 289 -38.63 -7.32 5.50
N GLU A 290 -39.65 -6.48 5.73
CA GLU A 290 -39.53 -5.07 5.41
C GLU A 290 -38.36 -4.45 6.18
N ASN A 291 -37.62 -3.58 5.51
CA ASN A 291 -36.32 -3.09 5.98
C ASN A 291 -36.33 -1.57 5.98
N ILE A 292 -36.79 -0.96 7.08
CA ILE A 292 -36.83 0.50 7.13
C ILE A 292 -35.43 1.09 7.14
N GLY A 293 -34.51 0.45 7.85
CA GLY A 293 -33.17 1.03 8.01
C GLY A 293 -32.48 1.31 6.69
N ILE A 294 -32.49 0.33 5.78
CA ILE A 294 -31.84 0.56 4.49
C ILE A 294 -32.60 1.57 3.65
N ARG A 295 -33.90 1.76 3.89
CA ARG A 295 -34.59 2.83 3.20
C ARG A 295 -34.10 4.18 3.68
N LYS A 296 -33.78 4.29 4.98
CA LYS A 296 -33.27 5.53 5.56
C LYS A 296 -31.84 5.81 5.11
N ILE A 297 -30.99 4.77 5.05
CA ILE A 297 -29.63 4.95 4.55
C ILE A 297 -29.65 5.46 3.12
N LEU A 298 -30.67 5.07 2.35
CA LEU A 298 -30.82 5.56 0.98
C LEU A 298 -31.34 7.00 0.97
N ALA A 299 -32.22 7.35 1.90
CA ALA A 299 -32.68 8.73 1.99
C ALA A 299 -31.56 9.65 2.46
N ARG A 300 -30.75 9.19 3.43
CA ARG A 300 -29.73 10.04 4.02
C ARG A 300 -28.65 10.39 3.02
N MET A 301 -28.29 9.44 2.14
CA MET A 301 -27.20 9.70 1.22
C MET A 301 -27.63 10.53 0.02
N SER A 302 -28.93 10.74 -0.17
CA SER A 302 -29.40 11.44 -1.35
C SER A 302 -29.89 12.85 -1.09
N LEU A 303 -30.17 13.22 0.17
CA LEU A 303 -30.52 14.61 0.46
C LEU A 303 -29.44 15.49 -0.18
N GLU A 304 -29.83 16.22 -1.23
CA GLU A 304 -28.88 16.89 -2.10
C GLU A 304 -28.55 18.29 -1.58
N LEU A 305 -28.07 18.32 -0.33
CA LEU A 305 -27.73 19.55 0.43
C LEU A 305 -27.07 20.65 -0.44
N SER B 2 -31.83 -1.44 -16.64
CA SER B 2 -30.83 -0.99 -15.66
C SER B 2 -29.80 0.00 -16.21
N TYR B 3 -29.64 1.11 -15.47
CA TYR B 3 -28.76 2.21 -15.89
C TYR B 3 -27.30 1.78 -15.89
N TYR B 4 -26.84 1.20 -14.78
CA TYR B 4 -25.48 0.71 -14.67
C TYR B 4 -25.42 -0.77 -15.05
N GLN B 5 -24.52 -1.11 -15.96
CA GLN B 5 -24.22 -2.50 -16.30
C GLN B 5 -22.72 -2.72 -16.08
N ARG B 6 -22.39 -3.73 -15.28
CA ARG B 6 -21.01 -3.99 -14.89
C ARG B 6 -20.22 -4.61 -16.05
N SER B 7 -19.06 -4.01 -16.35
CA SER B 7 -18.16 -4.51 -17.37
C SER B 7 -17.06 -5.38 -16.75
N ASP B 8 -16.51 -6.26 -17.57
CA ASP B 8 -15.40 -7.08 -17.11
C ASP B 8 -14.12 -6.24 -17.07
N TRP B 9 -13.13 -6.76 -16.35
CA TRP B 9 -11.79 -6.17 -16.37
C TRP B 9 -11.05 -6.70 -17.58
N THR B 10 -10.33 -5.82 -18.28
CA THR B 10 -9.77 -6.13 -19.60
C THR B 10 -8.25 -6.16 -19.55
N ALA B 11 -7.67 -6.83 -20.55
CA ALA B 11 -6.20 -6.90 -20.61
C ALA B 11 -5.61 -5.51 -20.71
N ASP B 12 -6.30 -4.61 -21.44
CA ASP B 12 -5.81 -3.23 -21.60
C ASP B 12 -5.76 -2.50 -20.27
N GLU B 13 -6.75 -2.72 -19.41
CA GLU B 13 -6.76 -2.08 -18.11
C GLU B 13 -5.71 -2.66 -17.16
N GLU B 14 -5.51 -3.98 -17.16
CA GLU B 14 -4.42 -4.54 -16.38
C GLU B 14 -3.08 -3.95 -16.83
N GLN B 15 -2.89 -3.79 -18.14
CA GLN B 15 -1.67 -3.18 -18.66
C GLN B 15 -1.46 -1.78 -18.09
N ILE B 16 -2.53 -0.99 -17.94
CA ILE B 16 -2.45 0.33 -17.32
C ILE B 16 -2.07 0.22 -15.84
N LEU B 17 -2.73 -0.71 -15.13
CA LEU B 17 -2.52 -0.84 -13.69
C LEU B 17 -1.11 -1.30 -13.36
N LEU B 18 -0.53 -2.15 -14.20
CA LEU B 18 0.80 -2.67 -13.98
C LEU B 18 1.85 -1.91 -14.78
N GLY B 19 1.49 -0.76 -15.34
CA GLY B 19 2.41 0.09 -16.05
C GLY B 19 3.75 0.31 -15.35
N PRO B 20 3.70 0.83 -14.12
CA PRO B 20 4.96 1.03 -13.37
C PRO B 20 5.63 -0.27 -12.95
N PHE B 21 4.86 -1.30 -12.58
CA PHE B 21 5.44 -2.57 -12.20
C PHE B 21 6.17 -3.23 -13.38
N ASP B 22 5.53 -3.30 -14.55
CA ASP B 22 6.22 -3.90 -15.71
C ASP B 22 7.48 -3.12 -16.06
N TYR B 23 7.45 -1.79 -15.87
CA TYR B 23 8.61 -0.95 -16.14
C TYR B 23 9.82 -1.38 -15.33
N LEU B 24 9.65 -1.52 -14.00
CA LEU B 24 10.75 -1.99 -13.16
C LEU B 24 11.21 -3.38 -13.56
N GLU B 25 10.26 -4.31 -13.76
CA GLU B 25 10.62 -5.67 -14.12
C GLU B 25 11.42 -5.72 -15.42
N SER B 26 11.13 -4.82 -16.35
CA SER B 26 11.91 -4.71 -17.58
C SER B 26 13.33 -4.21 -17.33
N LEU B 27 13.63 -3.68 -16.13
CA LEU B 27 14.99 -3.21 -15.84
C LEU B 27 15.85 -4.39 -15.40
N PRO B 28 16.99 -4.63 -16.03
CA PRO B 28 17.84 -5.76 -15.62
C PRO B 28 18.29 -5.58 -14.18
N GLY B 29 18.09 -6.64 -13.39
CA GLY B 29 18.40 -6.63 -11.97
C GLY B 29 19.38 -7.74 -11.64
N LYS B 30 19.60 -7.99 -10.34
CA LYS B 30 20.51 -9.06 -9.93
C LYS B 30 19.78 -10.38 -9.71
N ASN B 31 18.46 -10.34 -9.51
CA ASN B 31 17.65 -11.54 -9.24
C ASN B 31 18.25 -12.36 -8.09
N MET B 32 18.55 -11.66 -6.99
CA MET B 32 19.33 -12.21 -5.90
C MET B 32 18.50 -13.14 -5.02
N ARG B 33 17.23 -12.79 -4.77
CA ARG B 33 16.35 -13.65 -3.98
C ARG B 33 16.01 -14.95 -4.70
N SER B 34 16.07 -14.96 -6.03
CA SER B 34 15.93 -16.22 -6.76
C SER B 34 17.12 -17.13 -6.49
N GLN B 35 18.34 -16.57 -6.46
CA GLN B 35 19.50 -17.40 -6.16
C GLN B 35 19.51 -17.85 -4.70
N LEU B 36 18.81 -17.14 -3.80
CA LEU B 36 18.72 -17.55 -2.40
C LEU B 36 17.69 -18.66 -2.20
N ILE B 37 16.52 -18.51 -2.82
CA ILE B 37 15.54 -19.59 -2.83
C ILE B 37 16.15 -20.84 -3.42
N GLN B 38 16.79 -20.70 -4.58
CA GLN B 38 17.41 -21.85 -5.24
C GLN B 38 18.37 -22.58 -4.31
N SER B 39 19.14 -21.83 -3.52
CA SER B 39 20.11 -22.51 -2.68
C SER B 39 19.47 -23.14 -1.45
N PHE B 40 18.37 -22.57 -0.94
CA PHE B 40 17.68 -23.23 0.16
C PHE B 40 16.91 -24.45 -0.33
N ASN B 41 16.49 -24.46 -1.59
CA ASN B 41 15.80 -25.61 -2.12
C ASN B 41 16.71 -26.85 -2.19
N THR B 42 18.03 -26.67 -2.14
CA THR B 42 18.91 -27.83 -2.07
C THR B 42 18.60 -28.68 -0.84
N TRP B 43 18.14 -28.04 0.23
CA TRP B 43 17.69 -28.69 1.47
C TRP B 43 16.19 -28.97 1.50
N LEU B 44 15.36 -27.97 1.23
CA LEU B 44 13.92 -28.13 1.40
C LEU B 44 13.26 -28.95 0.29
N LYS B 45 13.81 -28.95 -0.90
CA LYS B 45 13.36 -29.78 -2.02
C LYS B 45 11.85 -29.64 -2.26
N VAL B 46 11.43 -28.38 -2.35
CA VAL B 46 10.03 -28.09 -2.67
C VAL B 46 9.69 -28.59 -4.06
N PRO B 47 8.54 -29.23 -4.27
CA PRO B 47 8.09 -29.54 -5.63
C PRO B 47 8.09 -28.32 -6.55
N THR B 48 8.32 -28.57 -7.84
CA THR B 48 8.64 -27.50 -8.78
C THR B 48 7.45 -26.56 -8.98
N GLU B 49 6.23 -27.12 -9.06
CA GLU B 49 5.05 -26.28 -9.21
C GLU B 49 4.91 -25.31 -8.06
N SER B 50 5.19 -25.77 -6.85
CA SER B 50 5.13 -24.91 -5.67
C SER B 50 6.25 -23.90 -5.65
N LEU B 51 7.48 -24.35 -5.96
CA LEU B 51 8.60 -23.41 -5.99
C LEU B 51 8.38 -22.33 -7.02
N ASP B 52 7.75 -22.68 -8.15
CA ASP B 52 7.47 -21.67 -9.17
C ASP B 52 6.48 -20.63 -8.67
N VAL B 53 5.49 -21.04 -7.88
CA VAL B 53 4.53 -20.11 -7.31
C VAL B 53 5.19 -19.21 -6.26
N ILE B 54 6.02 -19.78 -5.39
CA ILE B 54 6.71 -18.99 -4.37
C ILE B 54 7.68 -18.01 -5.03
N ILE B 55 8.31 -18.42 -6.13
CA ILE B 55 9.27 -17.55 -6.81
C ILE B 55 8.55 -16.38 -7.46
N LYS B 56 7.38 -16.62 -8.07
CA LYS B 56 6.57 -15.51 -8.57
C LYS B 56 6.11 -14.59 -7.45
N VAL B 57 5.66 -15.15 -6.33
CA VAL B 57 5.20 -14.31 -5.22
C VAL B 57 6.33 -13.41 -4.73
N ILE B 58 7.52 -13.97 -4.51
CA ILE B 58 8.64 -13.20 -3.99
C ILE B 58 9.10 -12.17 -5.03
N SER B 59 9.08 -12.53 -6.32
CA SER B 59 9.44 -11.59 -7.38
C SER B 59 8.49 -10.41 -7.41
N MET B 60 7.18 -10.66 -7.39
CA MET B 60 6.20 -9.60 -7.43
C MET B 60 6.35 -8.67 -6.22
N LEU B 61 6.35 -9.24 -5.02
CA LEU B 61 6.47 -8.39 -3.83
C LEU B 61 7.73 -7.55 -3.88
N HIS B 62 8.86 -8.14 -4.30
CA HIS B 62 10.12 -7.41 -4.29
C HIS B 62 10.05 -6.18 -5.19
N THR B 63 9.64 -6.37 -6.45
CA THR B 63 9.45 -5.24 -7.35
C THR B 63 8.44 -4.26 -6.76
N ALA B 64 7.34 -4.77 -6.17
CA ALA B 64 6.31 -3.85 -5.67
C ALA B 64 6.87 -2.96 -4.59
N PHE B 65 7.65 -3.53 -3.65
CA PHE B 65 8.22 -2.70 -2.59
C PHE B 65 9.15 -1.65 -3.15
N LEU B 66 9.97 -2.03 -4.14
CA LEU B 66 10.84 -1.06 -4.81
C LEU B 66 10.05 0.17 -5.27
N LEU B 67 8.89 -0.05 -5.90
CA LEU B 67 8.03 1.07 -6.29
C LEU B 67 7.72 1.94 -5.09
N ILE B 68 7.25 1.31 -4.00
CA ILE B 68 6.82 2.05 -2.83
C ILE B 68 8.01 2.66 -2.13
N ASP B 69 9.10 1.88 -1.98
CA ASP B 69 10.26 2.39 -1.25
C ASP B 69 10.90 3.56 -1.99
N ASP B 70 11.03 3.49 -3.32
CA ASP B 70 11.59 4.63 -4.04
C ASP B 70 10.73 5.87 -3.88
N ILE B 71 9.42 5.72 -3.69
CA ILE B 71 8.56 6.88 -3.47
C ILE B 71 8.81 7.48 -2.10
N GLN B 72 8.78 6.64 -1.05
CA GLN B 72 8.97 7.13 0.31
C GLN B 72 10.37 7.72 0.51
N ASP B 73 11.38 7.17 -0.19
CA ASP B 73 12.74 7.69 -0.10
C ASP B 73 12.97 8.87 -1.00
N GLN B 74 12.02 9.17 -1.88
CA GLN B 74 12.18 10.23 -2.88
C GLN B 74 13.48 10.02 -3.66
N SER B 75 13.69 8.77 -4.09
CA SER B 75 14.86 8.40 -4.86
C SER B 75 14.76 8.93 -6.28
N ILE B 76 15.90 8.93 -6.97
CA ILE B 76 15.96 9.37 -8.36
C ILE B 76 16.22 8.21 -9.31
N LEU B 77 17.21 7.36 -8.98
CA LEU B 77 17.59 6.26 -9.86
C LEU B 77 17.33 4.90 -9.23
N ARG B 78 16.87 3.95 -10.05
CA ARG B 78 16.70 2.55 -9.64
C ARG B 78 17.31 1.66 -10.71
N ARG B 79 18.29 0.84 -10.32
CA ARG B 79 19.02 -0.02 -11.25
C ARG B 79 19.53 0.81 -12.43
N GLY B 80 20.15 1.96 -12.09
CA GLY B 80 20.77 2.85 -13.06
C GLY B 80 19.83 3.61 -13.98
N GLN B 81 18.55 3.26 -14.01
CA GLN B 81 17.51 3.89 -14.82
C GLN B 81 16.61 4.76 -13.96
N PRO B 82 15.69 5.51 -14.58
CA PRO B 82 14.77 6.34 -13.77
C PRO B 82 13.89 5.47 -12.89
N VAL B 83 13.64 5.96 -11.68
CA VAL B 83 12.66 5.30 -10.82
C VAL B 83 11.29 5.43 -11.44
N ALA B 84 10.41 4.48 -11.12
CA ALA B 84 9.13 4.38 -11.83
C ALA B 84 8.29 5.65 -11.66
N HIS B 85 8.29 6.26 -10.48
CA HIS B 85 7.41 7.41 -10.35
C HIS B 85 7.95 8.65 -11.06
N SER B 86 9.25 8.71 -11.37
CA SER B 86 9.69 9.83 -12.18
C SER B 86 9.21 9.71 -13.63
N ILE B 87 8.65 8.56 -14.01
CA ILE B 87 8.00 8.39 -15.31
C ILE B 87 6.48 8.42 -15.20
N PHE B 88 5.91 7.66 -14.25
CA PHE B 88 4.46 7.50 -14.15
C PHE B 88 3.80 8.40 -13.11
N GLY B 89 4.58 9.12 -12.30
CA GLY B 89 4.08 9.88 -11.18
C GLY B 89 3.95 9.07 -9.91
N THR B 90 4.01 9.75 -8.76
CA THR B 90 4.00 9.01 -7.51
C THR B 90 2.69 8.23 -7.34
N ALA B 91 1.55 8.85 -7.64
CA ALA B 91 0.27 8.22 -7.32
C ALA B 91 0.11 6.88 -8.04
N GLN B 92 0.35 6.86 -9.36
CA GLN B 92 0.23 5.61 -10.12
C GLN B 92 1.30 4.59 -9.71
N ALA B 93 2.52 5.04 -9.43
CA ALA B 93 3.52 4.12 -8.90
C ALA B 93 3.09 3.52 -7.57
N MET B 94 2.52 4.34 -6.68
CA MET B 94 2.10 3.83 -5.38
C MET B 94 0.95 2.85 -5.52
N ASN B 95 -0.01 3.17 -6.37
CA ASN B 95 -1.14 2.27 -6.56
C ASN B 95 -0.70 0.99 -7.23
N SER B 96 0.18 1.10 -8.22
CA SER B 96 0.70 -0.09 -8.89
C SER B 96 1.35 -1.01 -7.87
N GLY B 97 2.20 -0.47 -7.01
CA GLY B 97 2.82 -1.29 -5.98
C GLY B 97 1.81 -1.90 -5.01
N ASN B 98 0.91 -1.07 -4.50
CA ASN B 98 -0.07 -1.59 -3.55
C ASN B 98 -0.95 -2.65 -4.21
N TYR B 99 -1.40 -2.39 -5.44
CA TYR B 99 -2.11 -3.42 -6.21
C TYR B 99 -1.36 -4.75 -6.19
N VAL B 100 -0.07 -4.73 -6.52
CA VAL B 100 0.68 -5.97 -6.71
C VAL B 100 0.79 -6.73 -5.39
N TYR B 101 0.89 -6.01 -4.25
CA TYR B 101 0.77 -6.68 -2.95
C TYR B 101 -0.36 -7.71 -2.97
N PHE B 102 -1.53 -7.32 -3.48
CA PHE B 102 -2.70 -8.20 -3.44
C PHE B 102 -2.76 -9.19 -4.61
N LEU B 103 -2.25 -8.83 -5.80
CA LEU B 103 -2.06 -9.82 -6.84
C LEU B 103 -1.14 -10.95 -6.39
N ALA B 104 -0.17 -10.65 -5.52
CA ALA B 104 0.70 -11.67 -4.98
C ALA B 104 -0.01 -12.50 -3.91
N LEU B 105 -0.81 -11.86 -3.05
CA LEU B 105 -1.64 -12.61 -2.13
C LEU B 105 -2.50 -13.61 -2.90
N ARG B 106 -3.04 -13.20 -4.05
CA ARG B 106 -3.82 -14.12 -4.87
CA ARG B 106 -3.82 -14.13 -4.87
C ARG B 106 -2.96 -15.28 -5.38
N GLU B 107 -1.72 -14.99 -5.78
CA GLU B 107 -0.86 -16.06 -6.27
C GLU B 107 -0.48 -17.02 -5.15
N VAL B 108 -0.28 -16.52 -3.92
CA VAL B 108 -0.01 -17.39 -2.78
C VAL B 108 -1.13 -18.40 -2.59
N GLN B 109 -2.38 -18.00 -2.89
CA GLN B 109 -3.50 -18.92 -2.73
C GLN B 109 -3.40 -20.14 -3.63
N LYS B 110 -2.64 -20.08 -4.72
CA LYS B 110 -2.56 -21.22 -5.62
C LYS B 110 -1.88 -22.41 -4.98
N LEU B 111 -1.12 -22.17 -3.90
CA LEU B 111 -0.45 -23.23 -3.15
C LEU B 111 -1.46 -24.11 -2.42
N GLN B 112 -2.62 -23.54 -2.07
CA GLN B 112 -3.70 -24.25 -1.38
C GLN B 112 -3.20 -24.85 -0.07
N ASN B 113 -2.47 -24.04 0.69
CA ASN B 113 -1.86 -24.45 1.95
C ASN B 113 -2.52 -23.66 3.06
N PRO B 114 -3.20 -24.30 4.02
CA PRO B 114 -3.95 -23.52 5.01
C PRO B 114 -3.09 -22.56 5.80
N LYS B 115 -1.79 -22.79 5.91
CA LYS B 115 -0.91 -21.96 6.71
C LYS B 115 -0.25 -20.85 5.91
N ALA B 116 -0.46 -20.78 4.60
CA ALA B 116 0.28 -19.83 3.76
C ALA B 116 -0.21 -18.40 3.99
N ILE B 117 -1.52 -18.21 4.14
CA ILE B 117 -2.04 -16.86 4.35
C ILE B 117 -1.43 -16.24 5.60
N SER B 118 -1.37 -16.99 6.71
CA SER B 118 -0.81 -16.41 7.92
C SER B 118 0.68 -16.09 7.75
N ILE B 119 1.42 -16.92 7.01
CA ILE B 119 2.82 -16.61 6.72
C ILE B 119 2.93 -15.31 5.95
N TYR B 120 2.12 -15.15 4.89
CA TYR B 120 2.12 -13.92 4.10
C TYR B 120 1.79 -12.70 4.96
N VAL B 121 0.69 -12.77 5.74
CA VAL B 121 0.31 -11.69 6.65
C VAL B 121 1.45 -11.33 7.58
N ASP B 122 2.01 -12.34 8.26
CA ASP B 122 3.08 -12.09 9.23
C ASP B 122 4.25 -11.38 8.60
N SER B 123 4.56 -11.72 7.35
CA SER B 123 5.69 -11.10 6.68
C SER B 123 5.37 -9.67 6.27
N LEU B 124 4.23 -9.46 5.61
CA LEU B 124 3.86 -8.10 5.23
C LEU B 124 3.80 -7.19 6.45
N ILE B 125 3.36 -7.73 7.58
CA ILE B 125 3.28 -6.92 8.80
C ILE B 125 4.67 -6.54 9.28
N ASP B 126 5.57 -7.53 9.37
CA ASP B 126 6.95 -7.24 9.76
C ASP B 126 7.61 -6.28 8.78
N LEU B 127 7.40 -6.48 7.48
CA LEU B 127 7.92 -5.55 6.47
C LEU B 127 7.51 -4.13 6.78
N HIS B 128 6.22 -3.91 7.03
CA HIS B 128 5.78 -2.56 7.32
C HIS B 128 6.23 -2.10 8.68
N ARG B 129 6.43 -3.03 9.62
CA ARG B 129 7.00 -2.63 10.91
C ARG B 129 8.42 -2.15 10.75
N GLY B 130 9.21 -2.86 9.95
CA GLY B 130 10.56 -2.42 9.67
C GLY B 130 10.59 -1.03 9.05
N GLN B 131 9.89 -0.86 7.93
CA GLN B 131 9.92 0.44 7.28
C GLN B 131 9.30 1.52 8.16
N GLY B 132 8.30 1.16 8.96
CA GLY B 132 7.71 2.15 9.84
C GLY B 132 8.72 2.77 10.79
N MET B 133 9.51 1.92 11.47
CA MET B 133 10.51 2.43 12.41
C MET B 133 11.60 3.21 11.70
N GLU B 134 12.00 2.79 10.49
CA GLU B 134 13.06 3.52 9.79
C GLU B 134 12.59 4.93 9.41
N LEU B 135 11.35 5.03 8.94
CA LEU B 135 10.80 6.35 8.65
C LEU B 135 10.69 7.19 9.91
N PHE B 136 10.28 6.56 11.02
CA PHE B 136 10.17 7.27 12.29
C PHE B 136 11.50 7.91 12.68
N TRP B 137 12.59 7.16 12.62
CA TRP B 137 13.89 7.71 12.98
C TRP B 137 14.33 8.79 11.99
N ARG B 138 14.12 8.55 10.69
CA ARG B 138 14.46 9.55 9.70
C ARG B 138 13.68 10.83 9.94
N ASP B 139 12.34 10.74 10.00
CA ASP B 139 11.52 11.93 10.12
C ASP B 139 11.73 12.67 11.44
N SER B 140 12.21 11.99 12.47
CA SER B 140 12.41 12.64 13.74
C SER B 140 13.86 13.06 13.98
N LEU B 141 14.76 12.74 13.05
CA LEU B 141 16.16 13.11 13.14
C LEU B 141 16.79 12.57 14.41
N MET B 142 16.33 11.40 14.85
CA MET B 142 16.71 10.80 16.11
C MET B 142 17.47 9.51 15.79
N CYS B 143 18.77 9.50 16.05
CA CYS B 143 19.63 8.38 15.63
C CYS B 143 19.37 7.11 16.42
N PRO B 144 19.00 6.01 15.80
CA PRO B 144 18.81 4.76 16.55
C PRO B 144 20.14 4.23 17.06
N THR B 145 20.06 3.32 18.04
CA THR B 145 21.21 2.52 18.40
C THR B 145 21.37 1.42 17.37
N GLU B 146 22.59 0.89 17.28
CA GLU B 146 22.84 -0.20 16.34
C GLU B 146 21.94 -1.41 16.64
N GLU B 147 21.72 -1.70 17.92
CA GLU B 147 20.80 -2.77 18.27
C GLU B 147 19.41 -2.51 17.68
N GLN B 148 18.94 -1.26 17.76
CA GLN B 148 17.64 -0.93 17.21
C GLN B 148 17.66 -1.04 15.69
N TYR B 149 18.75 -0.59 15.06
CA TYR B 149 18.87 -0.69 13.61
C TYR B 149 18.72 -2.14 13.16
N LEU B 150 19.44 -3.05 13.80
CA LEU B 150 19.40 -4.45 13.41
C LEU B 150 17.98 -5.02 13.58
N ASP B 151 17.33 -4.77 14.71
CA ASP B 151 15.94 -5.18 14.86
C ASP B 151 15.08 -4.70 13.70
N MET B 152 15.22 -3.41 13.33
CA MET B 152 14.45 -2.85 12.22
C MET B 152 14.79 -3.56 10.91
N VAL B 153 16.08 -3.77 10.65
CA VAL B 153 16.53 -4.40 9.43
C VAL B 153 16.01 -5.83 9.35
N ALA B 154 16.09 -6.57 10.45
CA ALA B 154 15.52 -7.92 10.49
C ALA B 154 14.09 -7.93 9.96
N ASN B 155 13.30 -6.92 10.33
CA ASN B 155 11.93 -6.83 9.84
C ASN B 155 11.89 -6.37 8.39
N LYS B 156 12.64 -5.32 8.05
CA LYS B 156 12.48 -4.71 6.73
C LYS B 156 13.13 -5.54 5.63
N THR B 157 14.43 -5.85 5.75
CA THR B 157 15.10 -6.63 4.73
C THR B 157 14.95 -8.14 4.96
N GLY B 158 15.08 -8.59 6.21
CA GLY B 158 14.82 -9.98 6.50
C GLY B 158 13.38 -10.38 6.24
N GLY B 159 12.44 -9.43 6.35
CA GLY B 159 11.03 -9.78 6.31
C GLY B 159 10.60 -10.50 5.03
N LEU B 160 11.16 -10.10 3.89
CA LEU B 160 10.87 -10.76 2.62
C LEU B 160 11.73 -12.00 2.38
N PHE B 161 12.97 -12.02 2.87
CA PHE B 161 13.76 -13.25 2.88
C PHE B 161 13.02 -14.33 3.64
N CYS B 162 12.51 -13.98 4.84
CA CYS B 162 11.85 -14.98 5.67
C CYS B 162 10.56 -15.45 5.04
N LEU B 163 9.84 -14.55 4.33
CA LEU B 163 8.63 -14.96 3.65
C LEU B 163 8.93 -16.05 2.63
N ALA B 164 10.03 -15.91 1.88
CA ALA B 164 10.38 -16.92 0.90
C ALA B 164 10.67 -18.26 1.58
N ILE B 165 11.56 -18.25 2.57
CA ILE B 165 11.94 -19.53 3.18
C ILE B 165 10.78 -20.11 3.98
N GLN B 166 9.93 -19.27 4.58
CA GLN B 166 8.81 -19.78 5.36
C GLN B 166 7.71 -20.38 4.48
N LEU B 167 7.49 -19.83 3.29
CA LEU B 167 6.59 -20.48 2.33
C LEU B 167 7.16 -21.81 1.88
N MET B 168 8.47 -21.85 1.59
CA MET B 168 9.09 -23.11 1.18
C MET B 168 8.98 -24.16 2.28
N GLN B 169 9.36 -23.79 3.51
CA GLN B 169 9.21 -24.72 4.63
C GLN B 169 7.80 -25.28 4.68
N ALA B 170 6.81 -24.43 4.39
CA ALA B 170 5.42 -24.85 4.53
C ALA B 170 5.01 -25.84 3.44
N GLU B 171 5.74 -25.87 2.32
CA GLU B 171 5.50 -26.81 1.23
C GLU B 171 6.47 -27.99 1.23
N ALA B 172 7.41 -28.02 2.15
CA ALA B 172 8.36 -29.12 2.18
C ALA B 172 7.89 -30.19 3.14
N THR B 173 8.63 -31.29 3.15
CA THR B 173 8.30 -32.40 4.03
C THR B 173 9.20 -32.49 5.24
N ILE B 174 10.37 -31.82 5.23
CA ILE B 174 11.22 -31.78 6.42
C ILE B 174 10.74 -30.66 7.34
N GLN B 175 11.16 -30.73 8.60
CA GLN B 175 10.70 -29.83 9.64
C GLN B 175 11.76 -28.83 10.10
N VAL B 176 12.98 -28.90 9.57
CA VAL B 176 14.04 -28.01 10.03
C VAL B 176 13.61 -26.56 9.93
N ASP B 177 13.99 -25.79 10.94
CA ASP B 177 13.74 -24.34 10.97
C ASP B 177 14.96 -23.61 10.40
N PHE B 178 14.77 -23.00 9.22
CA PHE B 178 15.80 -22.23 8.55
C PHE B 178 15.69 -20.73 8.78
N ILE B 179 14.68 -20.28 9.56
CA ILE B 179 14.41 -18.85 9.67
C ILE B 179 15.54 -18.08 10.34
N PRO B 180 16.07 -18.51 11.49
CA PRO B 180 17.11 -17.67 12.12
C PRO B 180 18.30 -17.49 11.20
N LEU B 181 18.64 -18.54 10.44
CA LEU B 181 19.71 -18.40 9.45
C LEU B 181 19.37 -17.34 8.40
N VAL B 182 18.19 -17.45 7.78
CA VAL B 182 17.86 -16.54 6.67
C VAL B 182 17.75 -15.10 7.18
N ARG B 183 17.19 -14.92 8.37
CA ARG B 183 17.11 -13.57 8.91
C ARG B 183 18.50 -13.01 9.17
N LEU B 184 19.43 -13.86 9.61
CA LEU B 184 20.82 -13.43 9.67
C LEU B 184 21.35 -13.08 8.27
N LEU B 185 20.98 -13.89 7.26
CA LEU B 185 21.42 -13.57 5.91
C LEU B 185 20.85 -12.23 5.44
N GLY B 186 19.61 -11.91 5.85
CA GLY B 186 19.04 -10.64 5.45
C GLY B 186 19.70 -9.44 6.13
N ILE B 187 20.04 -9.58 7.41
CA ILE B 187 20.76 -8.53 8.11
C ILE B 187 22.10 -8.28 7.45
N ILE B 188 22.79 -9.35 7.03
CA ILE B 188 24.07 -9.20 6.37
C ILE B 188 23.89 -8.51 5.04
N PHE B 189 22.94 -9.01 4.24
CA PHE B 189 22.64 -8.37 2.97
C PHE B 189 22.40 -6.87 3.14
N GLN B 190 21.62 -6.48 4.15
CA GLN B 190 21.28 -5.08 4.33
C GLN B 190 22.49 -4.26 4.77
N ILE B 191 23.25 -4.76 5.73
CA ILE B 191 24.43 -4.02 6.15
C ILE B 191 25.37 -3.84 4.96
N CYS B 192 25.51 -4.87 4.12
CA CYS B 192 26.37 -4.75 2.94
C CYS B 192 25.84 -3.70 1.98
N ASP B 193 24.53 -3.73 1.70
CA ASP B 193 23.92 -2.68 0.90
C ASP B 193 24.22 -1.31 1.48
N ASP B 194 24.14 -1.16 2.82
CA ASP B 194 24.36 0.14 3.44
C ASP B 194 25.77 0.63 3.18
N TYR B 195 26.75 -0.27 3.21
CA TYR B 195 28.14 0.07 2.98
C TYR B 195 28.40 0.38 1.51
N LEU B 196 27.88 -0.46 0.62
CA LEU B 196 28.13 -0.27 -0.81
C LEU B 196 27.52 1.03 -1.32
N ASN B 197 26.36 1.39 -0.79
CA ASN B 197 25.68 2.62 -1.18
C ASN B 197 26.57 3.84 -0.98
N LEU B 198 27.49 3.75 0.00
CA LEU B 198 28.41 4.85 0.26
C LEU B 198 29.80 4.63 -0.34
N LYS B 199 30.15 3.42 -0.75
CA LYS B 199 31.53 3.19 -1.13
C LYS B 199 31.76 2.53 -2.48
N SER B 200 30.71 2.11 -3.20
CA SER B 200 30.91 1.34 -4.42
C SER B 200 30.64 2.18 -5.66
N THR B 201 31.52 2.10 -6.65
CA THR B 201 31.25 2.73 -7.94
C THR B 201 30.05 2.08 -8.64
N ALA B 202 29.88 0.75 -8.48
CA ALA B 202 28.74 0.07 -9.09
C ALA B 202 27.41 0.60 -8.56
N TYR B 203 27.38 1.11 -7.33
CA TYR B 203 26.19 1.68 -6.73
C TYR B 203 26.05 3.17 -7.02
N THR B 204 27.15 3.92 -7.02
CA THR B 204 27.14 5.32 -7.44
C THR B 204 26.62 5.48 -8.86
N ASP B 205 26.80 4.44 -9.70
CA ASP B 205 26.24 4.46 -11.05
C ASP B 205 24.77 4.02 -11.09
N ASN B 206 24.33 3.21 -10.13
CA ASN B 206 22.98 2.63 -10.17
C ASN B 206 21.96 3.41 -9.33
N LYS B 207 22.35 3.96 -8.18
CA LYS B 207 21.47 4.83 -7.40
C LYS B 207 21.96 6.27 -7.26
N GLY B 208 23.18 6.58 -7.69
CA GLY B 208 23.76 7.88 -7.46
C GLY B 208 24.68 7.90 -6.25
N LEU B 209 25.59 8.88 -6.25
CA LEU B 209 26.64 8.92 -5.24
C LEU B 209 26.06 9.10 -3.84
N CYS B 210 26.29 8.12 -2.96
CA CYS B 210 25.95 8.24 -1.55
C CYS B 210 24.47 8.61 -1.36
N GLU B 211 23.59 7.80 -1.94
CA GLU B 211 22.21 8.23 -1.98
C GLU B 211 21.50 8.10 -0.64
N ASP B 212 22.02 7.28 0.29
CA ASP B 212 21.41 7.25 1.61
C ASP B 212 21.52 8.60 2.33
N LEU B 213 22.57 9.37 2.03
CA LEU B 213 22.64 10.72 2.59
C LEU B 213 21.53 11.60 2.04
N THR B 214 21.33 11.59 0.71
CA THR B 214 20.26 12.39 0.12
C THR B 214 18.92 12.05 0.74
N GLU B 215 18.67 10.78 1.00
CA GLU B 215 17.41 10.33 1.52
C GLU B 215 17.36 10.38 3.05
N GLY B 216 18.40 10.92 3.68
CA GLY B 216 18.43 11.11 5.11
C GLY B 216 18.46 9.85 5.96
N LYS B 217 18.94 8.72 5.44
CA LYS B 217 18.80 7.44 6.11
C LYS B 217 19.82 7.27 7.22
N PHE B 218 19.37 6.70 8.34
CA PHE B 218 20.27 6.26 9.40
C PHE B 218 20.69 4.83 9.07
N SER B 219 21.74 4.69 8.25
CA SER B 219 22.22 3.38 7.85
C SER B 219 23.37 2.95 8.76
N PHE B 220 23.77 1.68 8.62
CA PHE B 220 24.70 1.10 9.59
C PHE B 220 25.98 1.91 9.76
N PRO B 221 26.74 2.24 8.71
CA PRO B 221 27.92 3.09 8.95
C PRO B 221 27.56 4.50 9.39
N ILE B 222 26.44 5.06 8.91
CA ILE B 222 26.06 6.40 9.33
C ILE B 222 25.76 6.42 10.83
N ILE B 223 25.05 5.40 11.32
CA ILE B 223 24.79 5.32 12.75
C ILE B 223 26.10 5.31 13.52
N HIS B 224 27.03 4.45 13.11
CA HIS B 224 28.30 4.34 13.83
C HIS B 224 29.06 5.66 13.85
N SER B 225 29.09 6.36 12.71
CA SER B 225 29.83 7.62 12.62
C SER B 225 29.19 8.71 13.48
N ILE B 226 27.86 8.82 13.46
CA ILE B 226 27.18 9.82 14.29
C ILE B 226 27.47 9.55 15.77
N ARG B 227 27.33 8.30 16.21
CA ARG B 227 27.45 7.98 17.63
C ARG B 227 28.88 7.96 18.15
N SER B 228 29.90 7.90 17.28
CA SER B 228 31.24 7.68 17.77
C SER B 228 31.89 8.97 18.26
N ASN B 229 31.30 10.11 17.91
CA ASN B 229 31.65 11.39 18.50
C ASN B 229 30.40 12.23 18.44
N PRO B 230 29.55 12.13 19.47
CA PRO B 230 28.30 12.90 19.49
C PRO B 230 28.49 14.37 19.73
N GLY B 231 29.70 14.83 20.03
CA GLY B 231 29.96 16.26 20.13
C GLY B 231 30.04 16.95 18.78
N ASN B 232 30.47 16.23 17.76
CA ASN B 232 30.47 16.74 16.41
C ASN B 232 29.14 16.39 15.78
N ARG B 233 28.43 17.39 15.28
CA ARG B 233 27.06 17.18 14.80
C ARG B 233 26.94 17.41 13.29
N GLN B 234 28.06 17.42 12.57
CA GLN B 234 28.02 17.71 11.13
C GLN B 234 27.26 16.64 10.34
N LEU B 235 27.50 15.35 10.64
CA LEU B 235 26.92 14.30 9.83
C LEU B 235 25.42 14.22 10.00
N ILE B 236 24.93 14.27 11.24
CA ILE B 236 23.49 14.25 11.46
C ILE B 236 22.85 15.50 10.87
N ASN B 237 23.53 16.63 10.96
CA ASN B 237 22.98 17.83 10.34
C ASN B 237 22.96 17.70 8.81
N ILE B 238 23.94 17.00 8.24
CA ILE B 238 23.92 16.81 6.80
C ILE B 238 22.72 15.96 6.40
N LEU B 239 22.40 14.94 7.20
CA LEU B 239 21.20 14.12 6.97
C LEU B 239 19.94 14.99 6.93
N LYS B 240 19.82 15.92 7.87
CA LYS B 240 18.62 16.74 7.92
C LYS B 240 18.47 17.56 6.65
N GLN B 241 19.59 17.94 6.02
CA GLN B 241 19.54 18.79 4.84
C GLN B 241 19.19 18.02 3.56
N LYS B 242 19.08 16.70 3.65
CA LYS B 242 18.78 15.80 2.54
C LYS B 242 19.52 16.25 1.27
N PRO B 243 20.85 16.30 1.31
CA PRO B 243 21.62 16.97 0.23
C PRO B 243 21.61 16.17 -1.07
N ARG B 244 21.25 16.84 -2.16
CA ARG B 244 21.44 16.29 -3.50
C ARG B 244 22.79 16.69 -4.10
N GLU B 245 23.49 17.65 -3.47
CA GLU B 245 24.76 18.15 -3.97
C GLU B 245 25.88 17.17 -3.66
N ASP B 246 26.77 16.97 -4.63
CA ASP B 246 27.84 16.00 -4.41
C ASP B 246 28.87 16.52 -3.39
N ASP B 247 29.14 17.82 -3.37
CA ASP B 247 30.17 18.35 -2.48
C ASP B 247 29.83 18.05 -1.03
N ILE B 248 28.57 18.26 -0.63
CA ILE B 248 28.17 17.92 0.72
C ILE B 248 28.31 16.41 0.95
N LYS B 249 27.94 15.60 -0.02
CA LYS B 249 27.98 14.15 0.16
C LYS B 249 29.41 13.64 0.31
N ARG B 250 30.35 14.17 -0.48
CA ARG B 250 31.73 13.73 -0.33
C ARG B 250 32.36 14.23 0.95
N TYR B 251 31.90 15.37 1.48
CA TYR B 251 32.39 15.77 2.78
C TYR B 251 31.92 14.79 3.85
N ALA B 252 30.64 14.44 3.83
CA ALA B 252 30.11 13.45 4.75
C ALA B 252 30.87 12.14 4.61
N LEU B 253 31.08 11.70 3.37
CA LEU B 253 31.79 10.45 3.14
C LEU B 253 33.18 10.52 3.77
N SER B 254 33.82 11.69 3.68
CA SER B 254 35.15 11.89 4.25
C SER B 254 35.11 11.88 5.77
N TYR B 255 34.16 12.59 6.36
CA TYR B 255 33.97 12.50 7.80
C TYR B 255 33.81 11.04 8.23
N MET B 256 33.08 10.25 7.44
CA MET B 256 32.80 8.88 7.86
C MET B 256 34.04 8.00 7.79
N GLU B 257 35.00 8.34 6.92
CA GLU B 257 36.29 7.64 6.97
C GLU B 257 37.09 8.06 8.18
N SER B 258 36.92 9.29 8.66
CA SER B 258 37.69 9.74 9.81
C SER B 258 37.21 9.10 11.11
N THR B 259 35.91 8.84 11.23
CA THR B 259 35.42 8.10 12.39
C THR B 259 35.64 6.60 12.27
N ASN B 260 36.28 6.15 11.18
CA ASN B 260 36.64 4.76 11.01
C ASN B 260 35.41 3.86 10.99
N SER B 261 34.35 4.32 10.33
CA SER B 261 33.08 3.58 10.37
C SER B 261 32.96 2.52 9.28
N PHE B 262 33.74 2.63 8.21
CA PHE B 262 33.70 1.55 7.22
C PHE B 262 34.50 0.34 7.69
N GLU B 263 35.64 0.54 8.38
CA GLU B 263 36.32 -0.60 8.99
C GLU B 263 35.40 -1.30 10.00
N TYR B 264 34.71 -0.51 10.83
CA TYR B 264 33.75 -1.07 11.78
C TYR B 264 32.73 -1.93 11.06
N THR B 265 32.16 -1.43 9.97
CA THR B 265 31.12 -2.17 9.26
C THR B 265 31.69 -3.44 8.65
N ARG B 266 32.91 -3.37 8.10
CA ARG B 266 33.54 -4.58 7.57
C ARG B 266 33.72 -5.62 8.67
N GLY B 267 34.20 -5.19 9.83
CA GLY B 267 34.36 -6.10 10.95
C GLY B 267 33.05 -6.75 11.38
N VAL B 268 31.98 -5.96 11.45
CA VAL B 268 30.69 -6.53 11.85
C VAL B 268 30.24 -7.55 10.80
N VAL B 269 30.37 -7.24 9.52
CA VAL B 269 30.01 -8.21 8.49
C VAL B 269 30.86 -9.47 8.63
N ARG B 270 32.17 -9.33 8.86
CA ARG B 270 32.99 -10.52 9.13
C ARG B 270 32.40 -11.36 10.27
N LYS B 271 32.07 -10.71 11.40
CA LYS B 271 31.52 -11.45 12.54
C LYS B 271 30.22 -12.14 12.17
N LEU B 272 29.34 -11.45 11.44
CA LEU B 272 28.04 -12.02 11.08
C LEU B 272 28.17 -13.14 10.05
N LYS B 273 29.03 -12.96 9.05
CA LYS B 273 29.28 -14.05 8.12
C LYS B 273 29.79 -15.28 8.85
N THR B 274 30.61 -15.08 9.89
CA THR B 274 31.14 -16.22 10.63
C THR B 274 30.03 -16.98 11.34
N GLU B 275 29.10 -16.26 11.98
CA GLU B 275 27.95 -16.91 12.59
C GLU B 275 27.14 -17.68 11.56
N ALA B 276 26.91 -17.07 10.40
CA ALA B 276 26.17 -17.72 9.33
C ALA B 276 26.82 -19.04 8.93
N ILE B 277 28.15 -19.05 8.78
CA ILE B 277 28.83 -20.29 8.37
C ILE B 277 28.71 -21.33 9.47
N ASP B 278 28.91 -20.91 10.72
CA ASP B 278 28.65 -21.81 11.85
C ASP B 278 27.25 -22.39 11.78
N THR B 279 26.24 -21.53 11.59
CA THR B 279 24.86 -21.99 11.54
C THR B 279 24.67 -22.98 10.39
N ILE B 280 25.14 -22.63 9.19
CA ILE B 280 25.09 -23.54 8.05
C ILE B 280 25.75 -24.87 8.41
N GLN B 281 26.97 -24.80 8.96
CA GLN B 281 27.70 -26.02 9.29
C GLN B 281 26.98 -26.82 10.37
N GLY B 282 26.29 -26.14 11.29
CA GLY B 282 25.51 -26.88 12.27
C GLY B 282 24.34 -27.62 11.66
N LEU B 283 23.66 -26.98 10.70
CA LEU B 283 22.58 -27.65 9.99
C LEU B 283 23.08 -28.87 9.23
N GLU B 284 24.30 -28.77 8.68
CA GLU B 284 24.89 -29.86 7.89
C GLU B 284 25.37 -31.00 8.78
N LYS B 285 25.93 -30.70 9.95
CA LYS B 285 26.33 -31.80 10.85
C LYS B 285 25.13 -32.57 11.39
N HIS B 286 23.93 -32.00 11.35
CA HIS B 286 22.73 -32.63 11.87
C HIS B 286 21.88 -33.33 10.80
N GLY B 287 22.45 -33.58 9.61
CA GLY B 287 21.67 -34.29 8.61
C GLY B 287 21.75 -33.76 7.19
N LEU B 288 21.42 -32.48 6.99
CA LEU B 288 21.32 -31.91 5.64
C LEU B 288 22.63 -32.03 4.89
N GLU B 289 22.54 -32.01 3.56
CA GLU B 289 23.71 -32.24 2.71
C GLU B 289 24.47 -30.94 2.48
N GLU B 290 25.75 -31.10 2.09
CA GLU B 290 26.62 -29.95 1.95
C GLU B 290 26.10 -29.03 0.87
N ASN B 291 25.93 -27.75 1.24
CA ASN B 291 25.26 -26.75 0.43
C ASN B 291 26.30 -25.76 -0.07
N ILE B 292 26.84 -26.02 -1.27
CA ILE B 292 27.82 -25.09 -1.81
C ILE B 292 27.15 -23.80 -2.23
N GLY B 293 25.91 -23.88 -2.72
CA GLY B 293 25.27 -22.72 -3.30
C GLY B 293 25.03 -21.61 -2.30
N ILE B 294 24.66 -21.98 -1.07
CA ILE B 294 24.43 -20.95 -0.06
C ILE B 294 25.72 -20.35 0.40
N ARG B 295 26.84 -21.07 0.26
CA ARG B 295 28.12 -20.47 0.56
C ARG B 295 28.53 -19.46 -0.50
N LYS B 296 28.16 -19.73 -1.75
CA LYS B 296 28.43 -18.77 -2.82
C LYS B 296 27.57 -17.53 -2.67
N ILE B 297 26.29 -17.68 -2.29
CA ILE B 297 25.41 -16.53 -2.05
C ILE B 297 25.98 -15.68 -0.93
N LEU B 298 26.40 -16.34 0.15
CA LEU B 298 27.06 -15.66 1.25
C LEU B 298 28.27 -14.88 0.74
N ALA B 299 29.18 -15.57 0.06
CA ALA B 299 30.40 -14.90 -0.37
C ALA B 299 30.15 -13.88 -1.47
N ARG B 300 29.03 -13.96 -2.19
CA ARG B 300 28.76 -12.96 -3.24
C ARG B 300 28.24 -11.67 -2.64
N MET B 301 27.40 -11.77 -1.60
CA MET B 301 26.75 -10.55 -1.12
C MET B 301 27.71 -9.69 -0.32
N SER B 302 28.73 -10.30 0.26
CA SER B 302 29.74 -9.57 1.01
C SER B 302 31.01 -9.32 0.20
N LEU B 303 30.97 -9.60 -1.11
CA LEU B 303 32.19 -9.65 -1.91
C LEU B 303 33.01 -8.36 -1.77
N GLU B 304 32.36 -7.20 -1.88
CA GLU B 304 33.12 -5.96 -1.83
C GLU B 304 33.45 -5.56 -0.39
N LEU B 305 33.11 -6.40 0.57
CA LEU B 305 33.46 -6.21 1.97
C LEU B 305 34.37 -7.35 2.47
#